data_6IE1
#
_entry.id   6IE1
#
_cell.length_a   75.182
_cell.length_b   119.134
_cell.length_c   169.326
_cell.angle_alpha   90.000
_cell.angle_beta   90.000
_cell.angle_gamma   90.000
#
_symmetry.space_group_name_H-M   'C 2 2 21'
#
loop_
_entity.id
_entity.type
_entity.pdbx_description
1 polymer 'Engulfment and cell motility protein 2'
2 non-polymer GLYCEROL
3 water water
#
_entity_poly.entity_id   1
_entity_poly.type   'polypeptide(L)'
_entity_poly.pdbx_seq_one_letter_code
;GPGSMPPPSDIVKVAIEWPGANAQLLEIDQKRPLASIIKEVCDGWSLPNPEYYTLRYADGPQLYITEQTRSDIKNGTILQ
LAISPSRAARQLMERTQSSNMETRLDAMKELAKLSADVTFATEFINMDGIIVLTRLVESGTKLLSHYSEMLAFTLTAFLE
LMDHGIVSWDMVSITFIKQIAGYVSQPMVDVSILQRSLAILESMVLNSQSLYQKIAEEITVGQLISHLQVSNQEIQTYAI
ALINALFLKAPEDKRQDMANAFAQKHLRSIILNHVIRGNRPIKTEMAHQLYVLQVLTFNLLEERMMTKMDPNDQAQRDII
FELRRIAFDAESDPSNAPGSGTEKRKAMYTKDYKMLGFTNHINPAMDFTQTPPGMLALDNMLYLAKVHQDTYIRIVLENS
SREDKHECPFGRSAIELTKMLCEILQVGELPNEGRNDYHPMFFTHDRAFEELFGICIQLLNKTWKEMRATAEDFNKVMQV
VREQITRALPSKPNSLDQFKSKLRSLSYSEILRLRQSERMSQDD
;
_entity_poly.pdbx_strand_id   A
#
# COMPACT_ATOMS: atom_id res chain seq x y z
N ASP A 10 9.10 -42.13 -11.97
CA ASP A 10 10.56 -42.04 -12.07
C ASP A 10 11.21 -42.46 -10.76
N ILE A 11 12.54 -42.46 -10.73
CA ILE A 11 13.27 -42.82 -9.52
C ILE A 11 14.23 -41.71 -9.11
N VAL A 12 14.07 -41.22 -7.88
CA VAL A 12 14.92 -40.17 -7.35
C VAL A 12 15.74 -40.69 -6.16
N LYS A 13 17.03 -40.40 -6.15
CA LYS A 13 17.90 -40.83 -5.06
C LYS A 13 18.00 -39.76 -3.99
N VAL A 14 17.87 -40.18 -2.73
CA VAL A 14 17.94 -39.26 -1.61
C VAL A 14 18.71 -39.85 -0.46
N ALA A 15 18.90 -39.04 0.59
CA ALA A 15 19.46 -39.53 1.84
C ALA A 15 18.50 -39.16 2.96
N ILE A 16 18.25 -40.09 3.87
CA ILE A 16 17.38 -39.80 5.00
C ILE A 16 18.14 -39.95 6.30
N GLU A 17 17.97 -38.95 7.18
CA GLU A 17 18.74 -38.85 8.41
C GLU A 17 17.93 -39.17 9.66
N TRP A 18 18.65 -39.62 10.69
CA TRP A 18 18.07 -39.92 11.98
C TRP A 18 19.15 -39.63 13.03
N PRO A 19 18.79 -38.90 14.10
CA PRO A 19 19.76 -38.37 15.06
C PRO A 19 20.60 -39.46 15.71
N GLY A 20 21.92 -39.33 15.62
CA GLY A 20 22.82 -40.29 16.23
C GLY A 20 22.97 -41.58 15.44
N ALA A 21 22.60 -41.56 14.16
CA ALA A 21 22.78 -42.72 13.31
C ALA A 21 23.19 -42.31 11.90
N ASN A 22 23.86 -43.22 11.21
CA ASN A 22 24.26 -43.02 9.83
C ASN A 22 23.08 -42.82 8.91
N ALA A 23 23.21 -41.93 7.93
CA ALA A 23 22.14 -41.70 6.97
C ALA A 23 21.95 -42.93 6.06
N GLN A 24 20.73 -43.12 5.58
CA GLN A 24 20.46 -44.17 4.61
C GLN A 24 20.35 -43.59 3.21
N LEU A 25 20.97 -44.27 2.25
CA LEU A 25 20.91 -43.85 0.87
C LEU A 25 19.88 -44.68 0.11
N LEU A 26 18.84 -44.01 -0.39
CA LEU A 26 17.72 -44.71 -1.01
C LEU A 26 17.47 -44.28 -2.44
N GLU A 27 17.03 -45.23 -3.26
CA GLU A 27 16.50 -44.92 -4.58
C GLU A 27 14.97 -44.95 -4.47
N ILE A 28 14.36 -43.77 -4.39
CA ILE A 28 12.91 -43.68 -4.22
C ILE A 28 12.14 -43.96 -5.50
N ASP A 29 11.30 -44.99 -5.47
CA ASP A 29 10.35 -45.27 -6.55
C ASP A 29 9.09 -44.44 -6.34
N GLN A 30 8.84 -43.49 -7.24
CA GLN A 30 7.71 -42.58 -7.08
C GLN A 30 6.37 -43.27 -7.31
N LYS A 31 6.41 -44.48 -7.84
CA LYS A 31 5.21 -45.29 -7.99
C LYS A 31 4.95 -46.09 -6.71
N ARG A 32 5.95 -46.11 -5.84
CA ARG A 32 5.87 -46.82 -4.57
C ARG A 32 5.28 -45.91 -3.49
N PRO A 33 4.36 -46.45 -2.66
CA PRO A 33 3.71 -45.67 -1.59
C PRO A 33 4.70 -45.21 -0.52
N LEU A 34 4.46 -44.03 0.04
CA LEU A 34 5.33 -43.49 1.08
C LEU A 34 5.38 -44.39 2.31
N ALA A 35 4.24 -44.96 2.67
CA ALA A 35 4.14 -45.80 3.85
C ALA A 35 5.08 -47.00 3.74
N SER A 36 5.21 -47.55 2.54
CA SER A 36 6.08 -48.70 2.30
C SER A 36 7.54 -48.32 2.45
N ILE A 37 7.91 -47.21 1.83
CA ILE A 37 9.26 -46.67 1.92
C ILE A 37 9.65 -46.42 3.39
N ILE A 38 8.77 -45.77 4.14
CA ILE A 38 9.00 -45.50 5.55
C ILE A 38 9.17 -46.78 6.36
N LYS A 39 8.37 -47.79 6.04
CA LYS A 39 8.48 -49.09 6.70
C LYS A 39 9.87 -49.66 6.54
N GLU A 40 10.40 -49.60 5.32
CA GLU A 40 11.74 -50.13 5.03
C GLU A 40 12.80 -49.33 5.77
N VAL A 41 12.65 -48.01 5.76
CA VAL A 41 13.58 -47.11 6.43
C VAL A 41 13.66 -47.42 7.93
N CYS A 42 12.50 -47.57 8.56
CA CYS A 42 12.45 -47.94 9.98
C CYS A 42 13.08 -49.30 10.24
N ASP A 43 12.98 -50.20 9.26
CA ASP A 43 13.61 -51.51 9.39
C ASP A 43 15.13 -51.39 9.46
N GLY A 44 15.68 -50.46 8.68
CA GLY A 44 17.11 -50.26 8.64
C GLY A 44 17.67 -49.73 9.94
N TRP A 45 16.88 -48.92 10.63
CA TRP A 45 17.32 -48.32 11.88
C TRP A 45 16.75 -49.08 13.09
N SER A 46 16.09 -50.20 12.81
CA SER A 46 15.51 -51.05 13.85
C SER A 46 14.51 -50.27 14.70
N LEU A 47 13.62 -49.55 14.03
CA LEU A 47 12.62 -48.72 14.70
C LEU A 47 11.24 -49.37 14.66
N PRO A 48 10.66 -49.64 15.84
CA PRO A 48 9.29 -50.11 15.96
C PRO A 48 8.29 -49.07 15.49
N ASN A 49 7.09 -49.50 15.13
CA ASN A 49 5.98 -48.60 14.80
C ASN A 49 6.31 -47.60 13.70
N PRO A 50 6.46 -48.07 12.45
CA PRO A 50 6.72 -47.16 11.34
C PRO A 50 5.56 -46.20 11.08
N GLU A 51 4.38 -46.51 11.60
CA GLU A 51 3.21 -45.67 11.39
C GLU A 51 3.33 -44.37 12.18
N TYR A 52 4.26 -44.33 13.14
CA TYR A 52 4.49 -43.13 13.93
C TYR A 52 5.19 -42.03 13.12
N TYR A 53 5.80 -42.39 12.00
CA TYR A 53 6.71 -41.48 11.31
C TYR A 53 6.28 -41.06 9.91
N THR A 54 6.95 -40.03 9.42
CA THR A 54 6.64 -39.41 8.14
C THR A 54 7.93 -38.82 7.59
N LEU A 55 8.05 -38.73 6.27
CA LEU A 55 9.24 -38.12 5.67
C LEU A 55 9.17 -36.60 5.78
N ARG A 56 10.35 -35.98 5.84
CA ARG A 56 10.44 -34.54 6.05
C ARG A 56 11.78 -34.04 5.52
N TYR A 57 11.79 -32.84 4.93
CA TYR A 57 13.06 -32.25 4.47
C TYR A 57 13.96 -31.94 5.66
N ALA A 58 15.24 -32.27 5.52
CA ALA A 58 16.18 -32.04 6.60
C ALA A 58 16.59 -30.57 6.68
N ASP A 59 16.54 -29.90 5.53
CA ASP A 59 17.08 -28.55 5.43
C ASP A 59 15.99 -27.53 5.09
N GLY A 60 16.34 -26.25 5.20
CA GLY A 60 15.42 -25.17 4.88
C GLY A 60 14.27 -25.17 5.87
N PRO A 61 13.06 -24.92 5.36
CA PRO A 61 11.86 -24.86 6.20
C PRO A 61 11.51 -26.23 6.79
N GLN A 62 12.14 -27.29 6.27
CA GLN A 62 11.97 -28.65 6.78
C GLN A 62 10.52 -29.10 6.71
N LEU A 63 9.89 -28.84 5.57
CA LEU A 63 8.49 -29.14 5.38
C LEU A 63 8.20 -30.63 5.42
N TYR A 64 7.04 -30.97 5.96
CA TYR A 64 6.56 -32.34 5.92
C TYR A 64 6.31 -32.74 4.47
N ILE A 65 6.50 -34.02 4.17
CA ILE A 65 6.27 -34.54 2.84
C ILE A 65 5.05 -35.46 2.81
N THR A 66 4.16 -35.21 1.86
CA THR A 66 2.96 -36.03 1.68
C THR A 66 2.96 -36.73 0.32
N GLU A 67 1.85 -37.39 0.01
CA GLU A 67 1.72 -38.09 -1.28
C GLU A 67 1.51 -37.11 -2.43
N GLN A 68 1.14 -35.88 -2.11
CA GLN A 68 0.86 -34.87 -3.13
C GLN A 68 2.06 -33.98 -3.38
N THR A 69 2.90 -33.82 -2.36
CA THR A 69 4.07 -32.96 -2.48
C THR A 69 5.35 -33.74 -2.76
N ARG A 70 5.25 -35.06 -2.86
CA ARG A 70 6.44 -35.90 -3.02
C ARG A 70 7.04 -35.77 -4.42
N SER A 71 6.35 -35.05 -5.29
CA SER A 71 6.80 -34.84 -6.66
C SER A 71 7.96 -33.85 -6.70
N ASP A 72 8.07 -33.00 -5.69
CA ASP A 72 9.04 -31.92 -5.66
C ASP A 72 10.42 -32.35 -5.16
N ILE A 73 10.50 -33.58 -4.67
CA ILE A 73 11.76 -34.11 -4.17
C ILE A 73 12.75 -34.33 -5.31
N LYS A 74 13.73 -33.44 -5.43
CA LYS A 74 14.73 -33.54 -6.49
C LYS A 74 15.82 -34.55 -6.11
N ASN A 75 16.65 -34.92 -7.07
CA ASN A 75 17.74 -35.84 -6.80
C ASN A 75 18.80 -35.23 -5.90
N GLY A 76 19.25 -36.00 -4.91
CA GLY A 76 20.27 -35.54 -3.98
C GLY A 76 19.69 -34.76 -2.79
N THR A 77 18.38 -34.83 -2.62
CA THR A 77 17.74 -34.13 -1.50
C THR A 77 18.03 -34.87 -0.19
N ILE A 78 18.18 -34.10 0.88
CA ILE A 78 18.41 -34.67 2.21
C ILE A 78 17.11 -34.65 3.02
N LEU A 79 16.66 -35.82 3.42
CA LEU A 79 15.43 -35.95 4.20
C LEU A 79 15.73 -36.36 5.62
N GLN A 80 14.71 -36.31 6.48
CA GLN A 80 14.83 -36.81 7.84
C GLN A 80 13.56 -37.57 8.20
N LEU A 81 13.74 -38.69 8.90
CA LEU A 81 12.60 -39.44 9.41
C LEU A 81 12.07 -38.73 10.64
N ALA A 82 10.89 -38.14 10.53
CA ALA A 82 10.33 -37.34 11.62
C ALA A 82 9.02 -37.91 12.14
N ILE A 83 8.67 -37.54 13.36
CA ILE A 83 7.38 -37.87 13.93
C ILE A 83 6.28 -37.33 13.02
N SER A 84 5.25 -38.15 12.77
CA SER A 84 4.17 -37.75 11.87
C SER A 84 3.48 -36.47 12.34
N PRO A 85 3.02 -35.64 11.40
CA PRO A 85 2.37 -34.36 11.73
C PRO A 85 1.19 -34.50 12.69
N SER A 86 0.39 -35.54 12.53
CA SER A 86 -0.76 -35.77 13.41
C SER A 86 -0.28 -36.13 14.82
N ARG A 87 0.69 -37.03 14.92
CA ARG A 87 1.19 -37.43 16.22
C ARG A 87 1.91 -36.28 16.91
N ALA A 88 2.64 -35.48 16.14
CA ALA A 88 3.35 -34.35 16.70
C ALA A 88 2.37 -33.27 17.18
N ALA A 89 1.33 -33.03 16.41
CA ALA A 89 0.32 -32.04 16.76
C ALA A 89 -0.35 -32.41 18.08
N ARG A 90 -0.66 -33.69 18.22
CA ARG A 90 -1.28 -34.21 19.43
C ARG A 90 -0.33 -34.11 20.63
N GLN A 91 0.94 -34.46 20.44
CA GLN A 91 1.91 -34.37 21.52
C GLN A 91 2.07 -32.93 22.01
N LEU A 92 2.19 -32.01 21.06
CA LEU A 92 2.43 -30.61 21.39
C LEU A 92 1.23 -29.99 22.09
N MET A 93 0.03 -30.31 21.62
CA MET A 93 -1.17 -29.76 22.25
C MET A 93 -1.29 -30.23 23.70
N GLU A 94 -0.93 -31.48 23.95
CA GLU A 94 -0.94 -32.02 25.30
C GLU A 94 0.11 -31.34 26.17
N ARG A 95 1.29 -31.09 25.59
CA ARG A 95 2.36 -30.43 26.33
C ARG A 95 2.04 -28.96 26.62
N THR A 96 1.04 -28.41 25.92
CA THR A 96 0.61 -27.03 26.18
C THR A 96 -0.40 -26.97 27.30
N GLN A 97 -0.81 -28.14 27.80
CA GLN A 97 -1.73 -28.22 28.93
C GLN A 97 -1.01 -28.84 30.11
N SER A 98 0.33 -28.77 30.07
CA SER A 98 1.17 -29.40 31.07
C SER A 98 1.22 -28.60 32.36
N SER A 99 1.46 -29.31 33.47
CA SER A 99 1.67 -28.69 34.76
C SER A 99 3.03 -28.01 34.80
N ASN A 100 3.99 -28.60 34.08
CA ASN A 100 5.34 -28.03 33.98
C ASN A 100 5.33 -26.92 32.96
N MET A 101 6.01 -25.82 33.26
CA MET A 101 5.88 -24.65 32.40
C MET A 101 7.06 -24.53 31.47
N GLU A 102 8.21 -25.00 31.90
CA GLU A 102 9.35 -25.09 31.01
C GLU A 102 8.97 -26.06 29.88
N THR A 103 8.14 -27.04 30.21
CA THR A 103 7.60 -27.97 29.23
C THR A 103 6.74 -27.24 28.20
N ARG A 104 5.93 -26.30 28.69
CA ARG A 104 5.00 -25.56 27.84
C ARG A 104 5.71 -24.52 26.98
N LEU A 105 6.79 -23.96 27.50
CA LEU A 105 7.58 -22.96 26.75
C LEU A 105 8.26 -23.62 25.55
N ASP A 106 8.81 -24.80 25.76
CA ASP A 106 9.50 -25.51 24.69
C ASP A 106 8.49 -26.08 23.70
N ALA A 107 7.32 -26.48 24.20
CA ALA A 107 6.26 -26.98 23.34
C ALA A 107 5.72 -25.88 22.43
N MET A 108 5.49 -24.71 23.02
CA MET A 108 4.96 -23.57 22.29
C MET A 108 5.97 -23.06 21.27
N LYS A 109 7.26 -23.17 21.61
CA LYS A 109 8.31 -22.74 20.71
C LYS A 109 8.32 -23.62 19.45
N GLU A 110 8.08 -24.92 19.64
CA GLU A 110 8.00 -25.85 18.51
C GLU A 110 6.72 -25.62 17.71
N LEU A 111 5.65 -25.22 18.39
CA LEU A 111 4.41 -24.88 17.72
C LEU A 111 4.60 -23.64 16.84
N ALA A 112 5.34 -22.66 17.34
CA ALA A 112 5.65 -21.46 16.57
C ALA A 112 6.45 -21.79 15.30
N LYS A 113 7.19 -22.89 15.31
CA LYS A 113 7.98 -23.25 14.14
C LYS A 113 7.18 -24.09 13.16
N LEU A 114 6.46 -25.08 13.68
CA LEU A 114 5.75 -26.03 12.84
C LEU A 114 4.46 -25.47 12.23
N SER A 115 3.88 -24.45 12.86
CA SER A 115 2.59 -23.94 12.39
C SER A 115 2.68 -23.27 11.02
N ALA A 116 3.89 -22.99 10.56
CA ALA A 116 4.10 -22.46 9.22
C ALA A 116 3.90 -23.53 8.15
N ASP A 117 4.06 -24.80 8.53
CA ASP A 117 3.86 -25.93 7.62
C ASP A 117 2.40 -26.32 7.54
N VAL A 118 1.80 -26.16 6.37
CA VAL A 118 0.36 -26.38 6.21
C VAL A 118 -0.03 -27.83 6.55
N THR A 119 0.88 -28.78 6.31
CA THR A 119 0.61 -30.17 6.62
C THR A 119 0.42 -30.37 8.12
N PHE A 120 1.28 -29.74 8.91
CA PHE A 120 1.14 -29.78 10.37
C PHE A 120 -0.03 -28.94 10.85
N ALA A 121 -0.17 -27.74 10.29
CA ALA A 121 -1.21 -26.80 10.69
C ALA A 121 -2.59 -27.43 10.56
N THR A 122 -2.81 -28.15 9.45
CA THR A 122 -4.10 -28.76 9.19
C THR A 122 -4.46 -29.76 10.29
N GLU A 123 -3.48 -30.53 10.71
CA GLU A 123 -3.68 -31.49 11.78
C GLU A 123 -3.96 -30.79 13.11
N PHE A 124 -3.15 -29.79 13.44
CA PHE A 124 -3.29 -29.11 14.71
C PHE A 124 -4.62 -28.36 14.79
N ILE A 125 -5.00 -27.70 13.70
CA ILE A 125 -6.27 -26.99 13.64
C ILE A 125 -7.46 -27.94 13.82
N ASN A 126 -7.40 -29.10 13.17
CA ASN A 126 -8.46 -30.09 13.27
C ASN A 126 -8.52 -30.76 14.64
N MET A 127 -7.62 -30.38 15.53
CA MET A 127 -7.66 -30.85 16.92
C MET A 127 -8.18 -29.77 17.85
N ASP A 128 -8.96 -28.85 17.29
CA ASP A 128 -9.49 -27.69 18.02
C ASP A 128 -8.34 -26.79 18.48
N GLY A 129 -7.30 -26.71 17.65
CA GLY A 129 -6.05 -26.05 18.04
C GLY A 129 -6.13 -24.54 18.21
N ILE A 130 -6.86 -23.88 17.32
CA ILE A 130 -7.02 -22.44 17.35
C ILE A 130 -7.57 -21.96 18.69
N ILE A 131 -8.67 -22.55 19.12
CA ILE A 131 -9.29 -22.14 20.38
C ILE A 131 -8.44 -22.57 21.57
N VAL A 132 -7.60 -23.59 21.40
CA VAL A 132 -6.68 -23.98 22.47
C VAL A 132 -5.68 -22.86 22.72
N LEU A 133 -5.18 -22.26 21.64
CA LEU A 133 -4.21 -21.18 21.77
C LEU A 133 -4.83 -19.89 22.31
N THR A 134 -5.94 -19.45 21.73
CA THR A 134 -6.57 -18.20 22.17
C THR A 134 -7.01 -18.25 23.63
N ARG A 135 -7.32 -19.44 24.12
CA ARG A 135 -7.72 -19.61 25.52
C ARG A 135 -6.49 -19.61 26.45
N LEU A 136 -5.33 -19.97 25.92
CA LEU A 136 -4.10 -19.81 26.67
C LEU A 136 -3.82 -18.31 26.80
N VAL A 137 -4.13 -17.55 25.76
CA VAL A 137 -3.87 -16.12 25.75
C VAL A 137 -4.82 -15.36 26.66
N GLU A 138 -6.09 -15.74 26.66
CA GLU A 138 -7.10 -14.99 27.39
C GLU A 138 -7.11 -15.30 28.89
N SER A 139 -6.63 -16.48 29.27
CA SER A 139 -6.61 -16.86 30.67
C SER A 139 -5.41 -17.72 31.04
N GLY A 140 -4.21 -17.26 30.70
CA GLY A 140 -3.00 -17.92 31.14
C GLY A 140 -2.55 -17.35 32.47
N THR A 141 -1.53 -17.96 33.07
CA THR A 141 -1.01 -17.45 34.34
C THR A 141 0.04 -16.39 34.05
N LYS A 142 -0.23 -15.18 34.54
CA LYS A 142 0.55 -14.01 34.15
C LYS A 142 1.70 -13.69 35.11
N LEU A 143 1.92 -14.58 36.07
CA LEU A 143 2.85 -14.26 37.15
C LEU A 143 4.26 -14.79 36.96
N LEU A 144 4.56 -15.36 35.80
CA LEU A 144 5.78 -16.12 35.75
C LEU A 144 6.88 -15.53 34.88
N SER A 145 8.09 -16.06 35.09
CA SER A 145 9.32 -15.44 34.61
C SER A 145 9.31 -15.15 33.13
N HIS A 146 8.74 -16.06 32.34
CA HIS A 146 8.81 -15.93 30.90
C HIS A 146 7.43 -15.76 30.28
N TYR A 147 6.57 -15.01 30.96
CA TYR A 147 5.20 -14.80 30.50
C TYR A 147 5.16 -14.15 29.11
N SER A 148 5.89 -13.05 28.96
CA SER A 148 5.97 -12.34 27.67
C SER A 148 6.55 -13.23 26.58
N GLU A 149 7.53 -14.05 26.93
CA GLU A 149 8.14 -14.94 25.95
C GLU A 149 7.15 -16.01 25.53
N MET A 150 6.46 -16.57 26.52
CA MET A 150 5.45 -17.59 26.26
C MET A 150 4.32 -17.04 25.40
N LEU A 151 3.89 -15.81 25.72
CA LEU A 151 2.80 -15.17 24.99
C LEU A 151 3.22 -14.91 23.55
N ALA A 152 4.45 -14.46 23.37
CA ALA A 152 4.97 -14.14 22.04
C ALA A 152 4.97 -15.34 21.11
N PHE A 153 5.40 -16.49 21.62
CA PHE A 153 5.43 -17.69 20.79
C PHE A 153 4.01 -18.15 20.46
N THR A 154 3.12 -18.05 21.44
CA THR A 154 1.71 -18.42 21.25
C THR A 154 1.09 -17.60 20.12
N LEU A 155 1.27 -16.27 20.19
CA LEU A 155 0.73 -15.38 19.16
C LEU A 155 1.33 -15.67 17.79
N THR A 156 2.61 -15.99 17.77
CA THR A 156 3.29 -16.36 16.52
C THR A 156 2.66 -17.60 15.91
N ALA A 157 2.45 -18.62 16.74
CA ALA A 157 1.84 -19.87 16.28
C ALA A 157 0.40 -19.64 15.84
N PHE A 158 -0.34 -18.84 16.60
CA PHE A 158 -1.71 -18.54 16.26
C PHE A 158 -1.80 -17.92 14.87
N LEU A 159 -0.96 -16.92 14.62
CA LEU A 159 -1.00 -16.22 13.35
C LEU A 159 -0.67 -17.16 12.20
N GLU A 160 0.39 -17.96 12.36
CA GLU A 160 0.80 -18.86 11.29
C GLU A 160 -0.28 -19.88 10.96
N LEU A 161 -1.03 -20.31 11.98
CA LEU A 161 -2.17 -21.20 11.76
C LEU A 161 -3.26 -20.50 10.94
N MET A 162 -3.50 -19.23 11.24
CA MET A 162 -4.56 -18.48 10.58
C MET A 162 -4.22 -18.11 9.14
N ASP A 163 -2.93 -18.11 8.82
CA ASP A 163 -2.47 -17.67 7.50
C ASP A 163 -2.51 -18.79 6.45
N HIS A 164 -3.21 -19.87 6.74
CA HIS A 164 -3.34 -20.94 5.76
C HIS A 164 -4.70 -20.94 5.07
N GLY A 165 -5.58 -20.04 5.48
CA GLY A 165 -6.85 -19.86 4.81
C GLY A 165 -7.78 -21.04 5.03
N ILE A 166 -7.66 -21.67 6.20
CA ILE A 166 -8.51 -22.79 6.58
C ILE A 166 -9.56 -22.34 7.59
N VAL A 167 -9.18 -21.42 8.46
CA VAL A 167 -10.06 -20.94 9.52
C VAL A 167 -10.47 -19.48 9.30
N SER A 168 -11.78 -19.25 9.16
CA SER A 168 -12.31 -17.90 9.02
C SER A 168 -12.09 -17.10 10.29
N TRP A 169 -11.77 -15.81 10.15
CA TRP A 169 -11.58 -14.96 11.31
C TRP A 169 -12.87 -14.84 12.13
N ASP A 170 -14.02 -15.09 11.48
CA ASP A 170 -15.32 -15.03 12.15
C ASP A 170 -15.42 -16.02 13.32
N MET A 171 -14.63 -17.09 13.24
CA MET A 171 -14.63 -18.14 14.25
C MET A 171 -13.73 -17.82 15.43
N VAL A 172 -12.84 -16.85 15.26
CA VAL A 172 -11.94 -16.48 16.34
C VAL A 172 -12.70 -15.68 17.38
N SER A 173 -12.52 -16.05 18.66
CA SER A 173 -13.11 -15.34 19.79
C SER A 173 -12.91 -13.83 19.69
N ILE A 174 -13.98 -13.06 19.86
CA ILE A 174 -13.88 -11.62 19.71
C ILE A 174 -13.27 -10.97 20.94
N THR A 175 -13.32 -11.65 22.07
CA THR A 175 -12.69 -11.12 23.29
C THR A 175 -11.18 -11.26 23.15
N PHE A 176 -10.74 -12.31 22.49
CA PHE A 176 -9.34 -12.51 22.14
C PHE A 176 -8.87 -11.35 21.26
N ILE A 177 -9.67 -11.04 20.24
CA ILE A 177 -9.33 -9.96 19.31
C ILE A 177 -9.30 -8.63 20.03
N LYS A 178 -10.25 -8.43 20.94
CA LYS A 178 -10.32 -7.19 21.70
C LYS A 178 -9.07 -7.04 22.56
N GLN A 179 -8.61 -8.17 23.11
CA GLN A 179 -7.42 -8.17 23.95
C GLN A 179 -6.19 -7.79 23.15
N ILE A 180 -6.04 -8.41 21.98
CA ILE A 180 -4.94 -8.12 21.07
C ILE A 180 -4.95 -6.66 20.65
N ALA A 181 -6.13 -6.13 20.34
CA ALA A 181 -6.25 -4.74 19.97
C ALA A 181 -5.89 -3.82 21.14
N GLY A 182 -6.17 -4.28 22.36
CA GLY A 182 -5.82 -3.53 23.55
C GLY A 182 -4.32 -3.41 23.75
N TYR A 183 -3.57 -4.37 23.21
CA TYR A 183 -2.11 -4.34 23.29
C TYR A 183 -1.56 -3.25 22.39
N VAL A 184 -2.33 -2.90 21.36
CA VAL A 184 -1.92 -1.90 20.38
C VAL A 184 -2.31 -0.49 20.82
N SER A 185 -3.44 -0.38 21.52
CA SER A 185 -3.96 0.92 21.91
C SER A 185 -3.30 1.46 23.19
N GLN A 186 -2.85 0.56 24.04
CA GLN A 186 -2.30 0.96 25.33
C GLN A 186 -0.96 1.70 25.14
N PRO A 187 -0.60 2.59 26.09
CA PRO A 187 0.57 3.46 25.94
C PRO A 187 1.84 2.72 25.57
N MET A 188 2.03 1.56 26.17
CA MET A 188 3.22 0.78 25.91
C MET A 188 2.99 -0.67 26.26
N VAL A 189 3.49 -1.55 25.41
CA VAL A 189 3.47 -2.98 25.68
C VAL A 189 4.84 -3.50 25.31
N ASP A 190 5.15 -4.73 25.72
CA ASP A 190 6.38 -5.38 25.32
C ASP A 190 6.50 -5.31 23.80
N VAL A 191 7.70 -4.96 23.32
CA VAL A 191 7.92 -4.70 21.90
C VAL A 191 7.59 -5.89 21.01
N SER A 192 7.89 -7.11 21.49
CA SER A 192 7.63 -8.30 20.69
C SER A 192 6.15 -8.62 20.68
N ILE A 193 5.47 -8.33 21.79
CA ILE A 193 4.03 -8.52 21.89
C ILE A 193 3.31 -7.54 20.95
N LEU A 194 3.81 -6.32 20.87
CA LEU A 194 3.25 -5.33 19.94
C LEU A 194 3.36 -5.82 18.50
N GLN A 195 4.53 -6.31 18.11
CA GLN A 195 4.77 -6.78 16.74
C GLN A 195 3.80 -7.91 16.38
N ARG A 196 3.62 -8.86 17.28
CA ARG A 196 2.72 -10.00 17.03
C ARG A 196 1.28 -9.50 16.88
N SER A 197 0.91 -8.56 17.75
CA SER A 197 -0.44 -8.03 17.76
C SER A 197 -0.75 -7.26 16.47
N LEU A 198 0.21 -6.43 16.03
CA LEU A 198 0.03 -5.67 14.80
C LEU A 198 -0.11 -6.62 13.62
N ALA A 199 0.74 -7.64 13.57
CA ALA A 199 0.70 -8.63 12.50
C ALA A 199 -0.64 -9.38 12.47
N ILE A 200 -1.16 -9.70 13.66
CA ILE A 200 -2.44 -10.38 13.75
C ILE A 200 -3.57 -9.51 13.23
N LEU A 201 -3.66 -8.29 13.74
CA LEU A 201 -4.69 -7.34 13.35
C LEU A 201 -4.65 -7.04 11.85
N GLU A 202 -3.45 -6.91 11.30
CA GLU A 202 -3.29 -6.70 9.87
C GLU A 202 -3.91 -7.85 9.09
N SER A 203 -3.61 -9.08 9.50
CA SER A 203 -4.06 -10.26 8.77
C SER A 203 -5.58 -10.40 8.88
N MET A 204 -6.11 -10.07 10.05
CA MET A 204 -7.55 -10.12 10.28
C MET A 204 -8.30 -9.17 9.35
N VAL A 205 -7.81 -7.95 9.24
CA VAL A 205 -8.38 -6.94 8.37
C VAL A 205 -8.33 -7.36 6.90
N LEU A 206 -7.17 -7.83 6.47
CA LEU A 206 -6.97 -8.21 5.08
C LEU A 206 -7.78 -9.43 4.64
N ASN A 207 -8.21 -10.25 5.60
CA ASN A 207 -8.85 -11.52 5.27
C ASN A 207 -10.28 -11.66 5.80
N SER A 208 -10.95 -10.53 6.02
CA SER A 208 -12.35 -10.55 6.44
C SER A 208 -13.03 -9.22 6.15
N GLN A 209 -14.30 -9.11 6.52
CA GLN A 209 -15.05 -7.88 6.36
C GLN A 209 -15.65 -7.43 7.68
N SER A 210 -16.22 -8.38 8.41
CA SER A 210 -16.91 -8.12 9.66
C SER A 210 -15.97 -7.56 10.73
N LEU A 211 -14.83 -8.22 10.93
CA LEU A 211 -13.91 -7.88 12.00
C LEU A 211 -13.22 -6.54 11.74
N TYR A 212 -13.15 -6.15 10.48
CA TYR A 212 -12.55 -4.88 10.08
C TYR A 212 -13.18 -3.69 10.81
N GLN A 213 -14.50 -3.74 11.00
CA GLN A 213 -15.23 -2.68 11.66
C GLN A 213 -14.88 -2.58 13.15
N LYS A 214 -14.39 -3.69 13.71
CA LYS A 214 -14.14 -3.76 15.14
C LYS A 214 -12.84 -3.07 15.53
N ILE A 215 -11.91 -2.95 14.59
CA ILE A 215 -10.62 -2.34 14.87
C ILE A 215 -10.72 -0.83 15.06
N ALA A 216 -11.53 -0.18 14.23
CA ALA A 216 -11.72 1.26 14.31
C ALA A 216 -12.39 1.66 15.64
N GLU A 217 -13.04 0.69 16.28
CA GLU A 217 -13.69 0.92 17.57
C GLU A 217 -12.69 0.83 18.72
N GLU A 218 -11.87 -0.22 18.70
CA GLU A 218 -10.92 -0.48 19.77
C GLU A 218 -9.70 0.43 19.75
N ILE A 219 -9.30 0.87 18.55
CA ILE A 219 -8.05 1.59 18.36
C ILE A 219 -8.24 2.91 17.62
N THR A 220 -7.78 4.01 18.21
CA THR A 220 -7.90 5.32 17.57
C THR A 220 -6.81 5.55 16.54
N VAL A 221 -7.02 6.56 15.71
CA VAL A 221 -6.07 6.91 14.66
C VAL A 221 -4.73 7.32 15.24
N GLY A 222 -4.76 8.16 16.27
CA GLY A 222 -3.55 8.64 16.91
C GLY A 222 -2.71 7.54 17.52
N GLN A 223 -3.38 6.57 18.13
CA GLN A 223 -2.70 5.45 18.77
C GLN A 223 -1.96 4.59 17.76
N LEU A 224 -2.58 4.36 16.61
CA LEU A 224 -1.97 3.57 15.56
C LEU A 224 -0.80 4.32 14.94
N ILE A 225 -0.94 5.64 14.86
CA ILE A 225 0.12 6.48 14.31
C ILE A 225 1.29 6.59 15.29
N SER A 226 1.01 6.53 16.59
CA SER A 226 2.05 6.66 17.62
C SER A 226 3.10 5.55 17.53
N HIS A 227 2.76 4.42 16.91
CA HIS A 227 3.72 3.32 16.78
C HIS A 227 4.69 3.58 15.64
N LEU A 228 4.56 4.74 15.00
CA LEU A 228 5.51 5.15 13.98
C LEU A 228 6.61 6.01 14.59
N GLN A 229 6.35 6.53 15.79
CA GLN A 229 7.25 7.46 16.45
C GLN A 229 8.32 6.77 17.29
N VAL A 230 8.61 5.52 16.99
CA VAL A 230 9.61 4.78 17.75
C VAL A 230 10.83 4.45 16.89
N SER A 231 11.91 4.04 17.55
CA SER A 231 13.17 3.77 16.86
C SER A 231 13.13 2.43 16.13
N ASN A 232 12.31 1.51 16.63
CA ASN A 232 12.25 0.17 16.08
C ASN A 232 11.63 0.13 14.68
N GLN A 233 12.46 -0.15 13.68
CA GLN A 233 12.01 -0.14 12.30
C GLN A 233 10.99 -1.23 12.01
N GLU A 234 11.10 -2.36 12.71
CA GLU A 234 10.16 -3.46 12.46
C GLU A 234 8.77 -3.09 12.96
N ILE A 235 8.72 -2.38 14.08
CA ILE A 235 7.47 -1.87 14.62
C ILE A 235 6.82 -0.90 13.64
N GLN A 236 7.62 0.03 13.12
CA GLN A 236 7.14 1.00 12.14
C GLN A 236 6.53 0.31 10.93
N THR A 237 7.16 -0.78 10.53
CA THR A 237 6.78 -1.50 9.33
C THR A 237 5.44 -2.18 9.47
N TYR A 238 5.21 -2.80 10.63
CA TYR A 238 3.92 -3.46 10.86
C TYR A 238 2.86 -2.43 11.24
N ALA A 239 3.30 -1.25 11.68
CA ALA A 239 2.37 -0.17 11.98
C ALA A 239 1.79 0.38 10.69
N ILE A 240 2.65 0.66 9.71
CA ILE A 240 2.17 1.10 8.40
C ILE A 240 1.46 -0.03 7.67
N ALA A 241 1.89 -1.27 7.89
CA ALA A 241 1.21 -2.41 7.28
C ALA A 241 -0.24 -2.47 7.74
N LEU A 242 -0.47 -2.25 9.02
CA LEU A 242 -1.82 -2.26 9.57
C LEU A 242 -2.62 -1.09 9.02
N ILE A 243 -1.97 0.07 8.89
CA ILE A 243 -2.61 1.24 8.32
C ILE A 243 -2.96 1.01 6.87
N ASN A 244 -2.00 0.49 6.10
CA ASN A 244 -2.25 0.17 4.70
C ASN A 244 -3.39 -0.82 4.53
N ALA A 245 -3.47 -1.79 5.44
CA ALA A 245 -4.58 -2.75 5.41
C ALA A 245 -5.91 -2.03 5.62
N LEU A 246 -5.97 -1.10 6.57
CA LEU A 246 -7.21 -0.39 6.86
C LEU A 246 -7.67 0.43 5.66
N PHE A 247 -6.71 1.10 5.02
CA PHE A 247 -7.02 1.85 3.80
C PHE A 247 -7.50 0.93 2.69
N LEU A 248 -6.76 -0.16 2.49
CA LEU A 248 -7.01 -1.05 1.36
C LEU A 248 -8.39 -1.68 1.38
N LYS A 249 -8.84 -2.11 2.55
CA LYS A 249 -10.13 -2.79 2.66
C LYS A 249 -11.21 -1.89 3.24
N ALA A 250 -10.97 -0.58 3.21
CA ALA A 250 -12.02 0.37 3.55
C ALA A 250 -13.01 0.46 2.38
N PRO A 251 -14.31 0.58 2.70
CA PRO A 251 -15.31 0.74 1.64
C PRO A 251 -15.13 2.08 0.92
N GLU A 252 -15.24 2.08 -0.40
CA GLU A 252 -15.17 3.30 -1.22
C GLU A 252 -15.95 4.44 -0.59
N ASP A 253 -17.06 4.06 0.02
CA ASP A 253 -17.91 4.95 0.81
C ASP A 253 -17.16 5.77 1.87
N LYS A 254 -16.15 5.16 2.51
CA LYS A 254 -15.55 5.77 3.70
C LYS A 254 -14.04 5.97 3.66
N ARG A 255 -13.43 5.83 2.48
CA ARG A 255 -11.98 5.92 2.36
C ARG A 255 -11.46 7.35 2.52
N GLN A 256 -12.20 8.31 1.99
CA GLN A 256 -11.75 9.71 1.98
C GLN A 256 -11.75 10.32 3.38
N ASP A 257 -12.76 9.96 4.17
CA ASP A 257 -12.83 10.41 5.55
C ASP A 257 -11.68 9.84 6.37
N MET A 258 -11.37 8.57 6.12
CA MET A 258 -10.29 7.88 6.82
C MET A 258 -8.95 8.53 6.50
N ALA A 259 -8.77 8.93 5.25
CA ALA A 259 -7.53 9.59 4.85
C ALA A 259 -7.44 10.96 5.51
N ASN A 260 -8.58 11.62 5.66
CA ASN A 260 -8.62 12.91 6.35
C ASN A 260 -8.23 12.77 7.82
N ALA A 261 -8.84 11.81 8.49
CA ALA A 261 -8.56 11.56 9.90
C ALA A 261 -7.07 11.30 10.18
N PHE A 262 -6.44 10.48 9.35
CA PHE A 262 -5.01 10.20 9.49
C PHE A 262 -4.15 11.41 9.15
N ALA A 263 -4.61 12.19 8.17
CA ALA A 263 -3.89 13.39 7.76
C ALA A 263 -3.94 14.47 8.85
N GLN A 264 -5.08 14.60 9.49
CA GLN A 264 -5.26 15.63 10.52
C GLN A 264 -4.45 15.31 11.77
N LYS A 265 -3.91 14.09 11.83
CA LYS A 265 -3.01 13.72 12.91
C LYS A 265 -1.59 13.50 12.39
N HIS A 266 -1.29 14.12 11.25
CA HIS A 266 0.06 14.21 10.71
C HIS A 266 0.69 12.85 10.41
N LEU A 267 -0.02 12.00 9.69
CA LEU A 267 0.50 10.71 9.28
C LEU A 267 1.67 10.88 8.34
N ARG A 268 1.49 11.75 7.34
CA ARG A 268 2.53 12.02 6.35
C ARG A 268 3.81 12.57 6.98
N SER A 269 3.69 13.63 7.77
CA SER A 269 4.88 14.29 8.30
C SER A 269 5.63 13.40 9.30
N ILE A 270 4.88 12.59 10.05
CA ILE A 270 5.48 11.65 10.99
C ILE A 270 6.28 10.58 10.25
N ILE A 271 5.71 10.05 9.17
CA ILE A 271 6.45 9.13 8.32
C ILE A 271 7.66 9.83 7.71
N LEU A 272 7.48 11.09 7.33
CA LEU A 272 8.57 11.86 6.74
C LEU A 272 9.75 12.00 7.68
N ASN A 273 9.47 12.28 8.95
CA ASN A 273 10.52 12.54 9.93
C ASN A 273 11.09 11.29 10.59
N HIS A 274 10.25 10.29 10.83
CA HIS A 274 10.68 9.12 11.56
C HIS A 274 11.11 7.96 10.67
N VAL A 275 10.69 7.98 9.41
CA VAL A 275 11.03 6.88 8.51
C VAL A 275 11.92 7.32 7.35
N ILE A 276 11.43 8.28 6.58
CA ILE A 276 12.19 8.77 5.42
C ILE A 276 13.41 9.56 5.87
N ARG A 277 13.26 10.33 6.93
CA ARG A 277 14.39 11.06 7.51
C ARG A 277 14.83 10.45 8.83
N GLY A 278 14.81 9.12 8.89
CA GLY A 278 15.19 8.41 10.11
C GLY A 278 16.69 8.22 10.24
N ASN A 279 17.13 7.83 11.44
CA ASN A 279 18.55 7.59 11.69
C ASN A 279 19.06 6.34 10.98
N ARG A 280 18.34 5.23 11.15
CA ARG A 280 18.68 3.98 10.51
C ARG A 280 18.18 3.92 9.06
N PRO A 281 18.93 3.25 8.18
CA PRO A 281 18.54 3.10 6.77
C PRO A 281 17.17 2.48 6.61
N ILE A 282 16.52 2.73 5.48
CA ILE A 282 15.21 2.14 5.20
C ILE A 282 15.38 0.75 4.60
N LYS A 283 14.80 -0.25 5.26
CA LYS A 283 14.94 -1.64 4.82
C LYS A 283 13.88 -2.00 3.78
N THR A 284 14.07 -3.13 3.11
CA THR A 284 13.20 -3.56 2.01
C THR A 284 11.72 -3.66 2.39
N GLU A 285 11.46 -4.23 3.57
CA GLU A 285 10.08 -4.42 4.03
C GLU A 285 9.36 -3.08 4.18
N MET A 286 10.06 -2.11 4.74
CA MET A 286 9.51 -0.76 4.95
C MET A 286 9.26 -0.05 3.62
N ALA A 287 10.24 -0.14 2.71
CA ALA A 287 10.13 0.50 1.41
C ALA A 287 8.88 0.02 0.66
N HIS A 288 8.54 -1.25 0.83
CA HIS A 288 7.35 -1.79 0.20
C HIS A 288 6.08 -1.15 0.74
N GLN A 289 6.05 -0.94 2.06
CA GLN A 289 4.87 -0.37 2.71
C GLN A 289 4.69 1.10 2.31
N LEU A 290 5.81 1.77 2.07
CA LEU A 290 5.79 3.15 1.58
C LEU A 290 5.24 3.18 0.16
N TYR A 291 5.69 2.24 -0.67
CA TYR A 291 5.14 2.09 -2.01
C TYR A 291 3.62 1.87 -1.94
N VAL A 292 3.20 0.92 -1.09
CA VAL A 292 1.79 0.60 -0.93
C VAL A 292 1.00 1.81 -0.46
N LEU A 293 1.55 2.54 0.50
CA LEU A 293 0.87 3.70 1.03
C LEU A 293 0.71 4.77 -0.06
N GLN A 294 1.77 5.01 -0.79
CA GLN A 294 1.76 6.00 -1.86
C GLN A 294 0.75 5.63 -2.95
N VAL A 295 0.68 4.35 -3.28
CA VAL A 295 -0.30 3.88 -4.26
C VAL A 295 -1.73 4.13 -3.77
N LEU A 296 -1.97 3.84 -2.49
CA LEU A 296 -3.31 3.99 -1.91
C LEU A 296 -3.73 5.46 -1.82
N THR A 297 -2.80 6.34 -1.50
CA THR A 297 -3.11 7.75 -1.42
C THR A 297 -3.41 8.33 -2.79
N PHE A 298 -2.62 7.95 -3.79
CA PHE A 298 -2.88 8.39 -5.16
C PHE A 298 -4.25 7.89 -5.65
N ASN A 299 -4.68 6.73 -5.17
CA ASN A 299 -5.96 6.16 -5.56
C ASN A 299 -7.16 6.96 -5.05
N LEU A 300 -6.94 7.85 -4.09
CA LEU A 300 -8.00 8.69 -3.57
C LEU A 300 -8.51 9.65 -4.63
N LEU A 301 -7.65 9.95 -5.59
CA LEU A 301 -7.95 10.87 -6.67
C LEU A 301 -8.84 10.23 -7.72
N GLU A 302 -8.98 8.91 -7.65
CA GLU A 302 -9.67 8.17 -8.71
C GLU A 302 -11.13 8.57 -8.81
N GLU A 303 -11.80 8.71 -7.68
CA GLU A 303 -13.22 9.08 -7.66
C GLU A 303 -13.44 10.40 -8.40
N ARG A 304 -12.64 11.42 -8.08
CA ARG A 304 -12.81 12.72 -8.73
C ARG A 304 -12.33 12.69 -10.18
N MET A 305 -11.32 11.87 -10.46
CA MET A 305 -10.82 11.69 -11.82
C MET A 305 -11.90 11.14 -12.77
N MET A 306 -12.73 10.23 -12.27
CA MET A 306 -13.76 9.61 -13.10
C MET A 306 -15.15 10.21 -12.84
N THR A 307 -15.16 11.37 -12.19
CA THR A 307 -16.38 12.11 -11.92
C THR A 307 -16.63 13.18 -13.00
N LYS A 308 -17.65 12.98 -13.82
CA LYS A 308 -18.02 13.95 -14.83
C LYS A 308 -18.69 15.16 -14.19
N MET A 309 -18.37 16.35 -14.67
CA MET A 309 -19.01 17.55 -14.14
C MET A 309 -20.48 17.58 -14.55
N ASP A 310 -21.33 18.02 -13.62
CA ASP A 310 -22.74 18.25 -13.91
C ASP A 310 -22.93 19.71 -14.31
N PRO A 311 -23.09 19.97 -15.62
CA PRO A 311 -23.26 21.34 -16.12
C PRO A 311 -24.51 22.01 -15.56
N ASN A 312 -25.46 21.21 -15.08
CA ASN A 312 -26.72 21.75 -14.57
C ASN A 312 -26.66 22.08 -13.08
N ASP A 313 -25.52 21.76 -12.46
CA ASP A 313 -25.31 22.02 -11.05
C ASP A 313 -24.65 23.38 -10.84
N GLN A 314 -25.40 24.33 -10.31
CA GLN A 314 -24.89 25.69 -10.11
C GLN A 314 -23.71 25.70 -9.15
N ALA A 315 -23.75 24.82 -8.14
CA ALA A 315 -22.68 24.75 -7.15
C ALA A 315 -21.36 24.33 -7.77
N GLN A 316 -21.42 23.52 -8.82
CA GLN A 316 -20.21 23.10 -9.53
C GLN A 316 -19.79 24.16 -10.53
N ARG A 317 -20.76 24.78 -11.18
CA ARG A 317 -20.47 25.87 -12.10
C ARG A 317 -19.88 27.08 -11.38
N ASP A 318 -20.25 27.25 -10.11
CA ASP A 318 -19.74 28.36 -9.31
C ASP A 318 -18.21 28.28 -9.17
N ILE A 319 -17.66 27.07 -9.24
CA ILE A 319 -16.21 26.91 -9.18
C ILE A 319 -15.55 27.53 -10.40
N ILE A 320 -16.08 27.24 -11.59
CA ILE A 320 -15.61 27.87 -12.81
C ILE A 320 -15.79 29.39 -12.75
N PHE A 321 -16.94 29.83 -12.25
CA PHE A 321 -17.21 31.26 -12.07
C PHE A 321 -16.11 31.89 -11.21
N GLU A 322 -15.71 31.16 -10.17
CA GLU A 322 -14.65 31.63 -9.28
C GLU A 322 -13.33 31.74 -10.03
N LEU A 323 -13.02 30.76 -10.88
CA LEU A 323 -11.80 30.81 -11.69
C LEU A 323 -11.80 32.03 -12.60
N ARG A 324 -12.96 32.34 -13.18
CA ARG A 324 -13.06 33.47 -14.09
C ARG A 324 -12.95 34.76 -13.30
N ARG A 325 -13.50 34.76 -12.09
CA ARG A 325 -13.55 35.95 -11.25
C ARG A 325 -12.15 36.32 -10.77
N ILE A 326 -11.40 35.32 -10.33
CA ILE A 326 -10.05 35.54 -9.86
C ILE A 326 -9.17 36.06 -10.98
N ALA A 327 -9.37 35.52 -12.18
CA ALA A 327 -8.54 35.88 -13.32
C ALA A 327 -8.77 37.30 -13.81
N PHE A 328 -10.04 37.69 -13.97
CA PHE A 328 -10.37 38.86 -14.77
C PHE A 328 -11.08 39.98 -14.03
N ASP A 329 -11.48 39.74 -12.79
CA ASP A 329 -12.26 40.75 -12.07
C ASP A 329 -11.60 41.19 -10.77
N ALA A 330 -10.75 42.21 -10.87
CA ALA A 330 -10.20 42.87 -9.70
C ALA A 330 -10.69 44.31 -9.62
N GLU A 331 -10.06 45.10 -8.75
CA GLU A 331 -10.49 46.48 -8.53
C GLU A 331 -9.88 47.43 -9.57
N SER A 332 -8.99 46.90 -10.40
CA SER A 332 -8.38 47.65 -11.49
C SER A 332 -9.29 47.69 -12.71
N ASP A 333 -10.31 46.83 -12.70
CA ASP A 333 -11.19 46.65 -13.85
C ASP A 333 -12.52 47.39 -13.67
N PRO A 334 -13.13 47.82 -14.79
CA PRO A 334 -14.43 48.51 -14.73
C PRO A 334 -15.53 47.65 -14.13
N SER A 335 -16.63 48.29 -13.74
CA SER A 335 -17.76 47.58 -13.15
C SER A 335 -18.78 47.19 -14.21
N ASN A 336 -18.99 45.89 -14.38
CA ASN A 336 -20.07 45.41 -15.24
C ASN A 336 -21.43 45.65 -14.59
N ALA A 337 -21.72 46.92 -14.30
CA ALA A 337 -22.96 47.30 -13.62
C ALA A 337 -24.19 46.85 -14.40
N PRO A 338 -25.36 46.80 -13.74
CA PRO A 338 -26.53 46.40 -14.52
C PRO A 338 -27.04 47.58 -15.37
N GLY A 339 -27.78 47.27 -16.43
CA GLY A 339 -28.03 48.19 -17.53
C GLY A 339 -27.35 47.51 -18.70
N SER A 340 -26.20 46.91 -18.41
CA SER A 340 -25.56 45.97 -19.31
C SER A 340 -26.44 44.74 -19.44
N GLY A 341 -27.02 44.56 -20.63
CA GLY A 341 -27.99 43.51 -20.88
C GLY A 341 -27.53 42.13 -20.46
N THR A 342 -28.50 41.25 -20.21
CA THR A 342 -28.21 39.87 -19.84
C THR A 342 -27.50 39.16 -20.98
N GLU A 343 -27.74 39.62 -22.20
CA GLU A 343 -27.07 39.08 -23.38
C GLU A 343 -25.66 39.66 -23.52
N LYS A 344 -25.46 40.85 -22.95
CA LYS A 344 -24.16 41.50 -23.00
C LYS A 344 -23.21 40.95 -21.94
N ARG A 345 -23.75 40.68 -20.74
CA ARG A 345 -22.96 40.10 -19.67
C ARG A 345 -22.50 38.69 -20.03
N LYS A 346 -23.34 37.95 -20.75
CA LYS A 346 -23.01 36.60 -21.20
C LYS A 346 -21.95 36.63 -22.29
N ALA A 347 -21.91 37.73 -23.04
CA ALA A 347 -20.92 37.92 -24.09
C ALA A 347 -19.53 38.08 -23.48
N MET A 348 -19.47 38.79 -22.35
CA MET A 348 -18.21 39.00 -21.64
C MET A 348 -17.73 37.70 -21.00
N TYR A 349 -18.67 36.94 -20.44
CA TYR A 349 -18.35 35.66 -19.83
C TYR A 349 -17.76 34.69 -20.86
N THR A 350 -18.38 34.66 -22.04
CA THR A 350 -17.95 33.73 -23.10
C THR A 350 -16.54 34.05 -23.58
N LYS A 351 -16.21 35.33 -23.70
CA LYS A 351 -14.88 35.73 -24.12
C LYS A 351 -13.84 35.37 -23.05
N ASP A 352 -14.21 35.54 -21.79
CA ASP A 352 -13.36 35.16 -20.67
C ASP A 352 -12.99 33.68 -20.72
N TYR A 353 -13.96 32.85 -21.10
CA TYR A 353 -13.74 31.42 -21.18
C TYR A 353 -12.89 31.08 -22.40
N LYS A 354 -12.95 31.94 -23.41
CA LYS A 354 -12.07 31.78 -24.57
C LYS A 354 -10.66 32.21 -24.17
N MET A 355 -10.57 33.28 -23.40
CA MET A 355 -9.28 33.76 -22.93
C MET A 355 -8.66 32.80 -21.93
N LEU A 356 -9.51 32.03 -21.25
CA LEU A 356 -9.03 31.07 -20.27
C LEU A 356 -8.59 29.79 -20.95
N GLY A 357 -8.89 29.68 -22.25
CA GLY A 357 -8.40 28.57 -23.06
C GLY A 357 -9.32 27.36 -23.04
N PHE A 358 -10.55 27.58 -22.61
CA PHE A 358 -11.52 26.50 -22.64
C PHE A 358 -11.95 26.22 -24.06
N THR A 359 -12.36 24.98 -24.31
CA THR A 359 -12.79 24.57 -25.64
C THR A 359 -14.22 25.06 -25.89
N ASN A 360 -15.14 24.68 -25.02
CA ASN A 360 -16.51 25.16 -25.12
C ASN A 360 -16.60 26.55 -24.49
N HIS A 361 -16.53 27.57 -25.34
CA HIS A 361 -16.47 28.95 -24.87
C HIS A 361 -17.75 29.35 -24.14
N ILE A 362 -18.89 28.86 -24.63
CA ILE A 362 -20.18 29.26 -24.08
C ILE A 362 -20.46 28.56 -22.75
N ASN A 363 -20.39 27.24 -22.75
CA ASN A 363 -20.60 26.48 -21.52
C ASN A 363 -19.37 25.65 -21.20
N PRO A 364 -18.38 26.25 -20.54
CA PRO A 364 -17.08 25.61 -20.27
C PRO A 364 -17.21 24.39 -19.38
N ALA A 365 -18.35 24.23 -18.72
CA ALA A 365 -18.60 23.07 -17.86
C ALA A 365 -18.52 21.77 -18.65
N MET A 366 -18.73 21.86 -19.97
CA MET A 366 -18.68 20.69 -20.83
C MET A 366 -17.27 20.11 -20.96
N ASP A 367 -16.27 20.95 -20.75
CA ASP A 367 -14.87 20.52 -20.84
C ASP A 367 -14.54 19.49 -19.77
N PHE A 368 -15.26 19.53 -18.67
CA PHE A 368 -14.97 18.67 -17.53
C PHE A 368 -15.90 17.45 -17.50
N THR A 369 -16.57 17.17 -18.62
CA THR A 369 -17.35 15.94 -18.74
C THR A 369 -16.46 14.83 -19.28
N GLN A 370 -15.22 15.19 -19.61
CA GLN A 370 -14.23 14.24 -20.08
C GLN A 370 -13.57 13.54 -18.90
N THR A 371 -13.79 12.23 -18.79
CA THR A 371 -13.21 11.44 -17.72
C THR A 371 -12.40 10.27 -18.27
N PRO A 372 -11.09 10.21 -17.94
CA PRO A 372 -10.33 11.18 -17.14
C PRO A 372 -10.11 12.49 -17.90
N PRO A 373 -9.79 13.60 -17.19
CA PRO A 373 -9.55 13.72 -15.75
C PRO A 373 -10.74 14.25 -14.94
N GLY A 374 -11.87 14.53 -15.59
CA GLY A 374 -13.06 14.98 -14.89
C GLY A 374 -12.87 16.14 -13.93
N MET A 375 -13.58 16.09 -12.79
CA MET A 375 -13.57 17.17 -11.82
C MET A 375 -12.21 17.38 -11.16
N LEU A 376 -11.35 16.38 -11.25
CA LEU A 376 -10.01 16.47 -10.68
C LEU A 376 -9.22 17.60 -11.34
N ALA A 377 -9.43 17.77 -12.64
CA ALA A 377 -8.78 18.87 -13.35
C ALA A 377 -9.30 20.22 -12.83
N LEU A 378 -10.59 20.27 -12.49
CA LEU A 378 -11.18 21.51 -11.97
C LEU A 378 -10.64 21.84 -10.58
N ASP A 379 -10.53 20.82 -9.73
CA ASP A 379 -9.96 20.98 -8.41
C ASP A 379 -8.53 21.51 -8.48
N ASN A 380 -7.76 21.04 -9.47
CA ASN A 380 -6.38 21.48 -9.63
C ASN A 380 -6.31 22.96 -10.02
N MET A 381 -7.18 23.37 -10.95
CA MET A 381 -7.23 24.76 -11.37
C MET A 381 -7.59 25.68 -10.21
N LEU A 382 -8.60 25.29 -9.43
CA LEU A 382 -9.03 26.12 -8.31
C LEU A 382 -7.91 26.21 -7.28
N TYR A 383 -7.24 25.09 -7.05
CA TYR A 383 -6.11 25.07 -6.12
C TYR A 383 -5.03 26.04 -6.56
N LEU A 384 -4.69 26.00 -7.85
CA LEU A 384 -3.71 26.93 -8.41
C LEU A 384 -4.16 28.39 -8.23
N ALA A 385 -5.45 28.64 -8.44
CA ALA A 385 -5.98 30.00 -8.36
C ALA A 385 -6.02 30.53 -6.92
N LYS A 386 -6.32 29.66 -5.96
CA LYS A 386 -6.47 30.05 -4.56
C LYS A 386 -5.14 30.04 -3.79
N VAL A 387 -4.29 29.04 -4.05
CA VAL A 387 -3.04 28.88 -3.31
C VAL A 387 -1.86 29.59 -3.99
N HIS A 388 -1.87 29.63 -5.31
CA HIS A 388 -0.79 30.29 -6.06
C HIS A 388 -1.37 31.27 -7.07
N GLN A 389 -2.12 32.23 -6.56
CA GLN A 389 -2.78 33.23 -7.39
C GLN A 389 -1.80 33.92 -8.33
N ASP A 390 -0.61 34.25 -7.81
CA ASP A 390 0.40 34.94 -8.60
C ASP A 390 0.69 34.17 -9.87
N THR A 391 0.87 32.86 -9.73
CA THR A 391 1.13 31.98 -10.85
C THR A 391 -0.07 31.89 -11.79
N TYR A 392 -1.25 31.69 -11.23
CA TYR A 392 -2.47 31.57 -12.02
C TYR A 392 -2.71 32.83 -12.84
N ILE A 393 -2.62 33.98 -12.18
CA ILE A 393 -2.85 35.28 -12.82
C ILE A 393 -1.90 35.50 -14.00
N ARG A 394 -0.61 35.32 -13.75
CA ARG A 394 0.39 35.51 -14.79
C ARG A 394 0.16 34.61 -16.00
N ILE A 395 -0.15 33.34 -15.76
CA ILE A 395 -0.33 32.38 -16.84
C ILE A 395 -1.52 32.72 -17.73
N VAL A 396 -2.65 33.07 -17.13
CA VAL A 396 -3.85 33.34 -17.93
C VAL A 396 -3.77 34.69 -18.64
N LEU A 397 -3.06 35.65 -18.06
CA LEU A 397 -2.98 36.98 -18.66
C LEU A 397 -1.94 37.02 -19.79
N GLU A 398 -0.88 36.22 -19.65
CA GLU A 398 0.14 36.14 -20.69
C GLU A 398 -0.29 35.27 -21.86
N ASN A 399 -1.39 34.54 -21.67
CA ASN A 399 -1.93 33.68 -22.74
C ASN A 399 -3.42 33.91 -22.94
N SER A 400 -3.82 35.17 -22.93
CA SER A 400 -5.23 35.53 -22.97
C SER A 400 -5.77 35.58 -24.39
N SER A 401 -5.08 36.28 -25.28
CA SER A 401 -5.57 36.46 -26.65
C SER A 401 -5.41 35.20 -27.50
N ARG A 402 -6.53 34.56 -27.86
CA ARG A 402 -6.51 33.40 -28.74
C ARG A 402 -6.19 33.81 -30.17
N GLU A 403 -6.29 35.11 -30.45
CA GLU A 403 -5.94 35.66 -31.75
C GLU A 403 -4.45 35.44 -32.02
N ASP A 404 -3.64 35.53 -30.96
CA ASP A 404 -2.21 35.22 -31.05
C ASP A 404 -2.03 33.71 -31.19
N LYS A 405 -1.41 33.29 -32.28
CA LYS A 405 -1.29 31.87 -32.62
C LYS A 405 -0.29 31.12 -31.74
N HIS A 406 0.56 31.85 -31.04
CA HIS A 406 1.63 31.23 -30.26
C HIS A 406 1.32 31.12 -28.78
N GLU A 407 0.13 31.55 -28.37
CA GLU A 407 -0.24 31.53 -26.96
C GLU A 407 -0.86 30.18 -26.57
N CYS A 408 -0.68 29.81 -25.31
CA CYS A 408 -1.08 28.51 -24.79
C CYS A 408 -2.38 28.54 -23.98
N PRO A 409 -3.39 27.79 -24.43
CA PRO A 409 -4.71 27.76 -23.77
C PRO A 409 -4.66 27.11 -22.40
N PHE A 410 -4.99 27.87 -21.36
CA PHE A 410 -4.87 27.35 -20.00
C PHE A 410 -5.83 26.17 -19.73
N GLY A 411 -7.09 26.33 -20.13
CA GLY A 411 -8.09 25.31 -19.89
C GLY A 411 -7.75 23.96 -20.50
N ARG A 412 -7.56 23.94 -21.82
CA ARG A 412 -7.23 22.73 -22.54
C ARG A 412 -5.95 22.08 -22.00
N SER A 413 -4.96 22.90 -21.64
CA SER A 413 -3.69 22.40 -21.11
C SER A 413 -3.83 21.77 -19.74
N ALA A 414 -4.50 22.47 -18.84
CA ALA A 414 -4.64 22.01 -17.45
C ALA A 414 -5.43 20.71 -17.39
N ILE A 415 -6.43 20.58 -18.25
CA ILE A 415 -7.20 19.35 -18.33
C ILE A 415 -6.31 18.20 -18.77
N GLU A 416 -5.59 18.40 -19.88
CA GLU A 416 -4.71 17.36 -20.42
C GLU A 416 -3.59 17.00 -19.43
N LEU A 417 -3.01 18.02 -18.81
CA LEU A 417 -1.91 17.81 -17.87
C LEU A 417 -2.34 16.96 -16.68
N THR A 418 -3.53 17.23 -16.17
CA THR A 418 -4.08 16.46 -15.06
C THR A 418 -4.23 14.99 -15.46
N LYS A 419 -4.73 14.76 -16.67
CA LYS A 419 -4.83 13.40 -17.20
C LYS A 419 -3.44 12.76 -17.26
N MET A 420 -2.48 13.53 -17.78
CA MET A 420 -1.11 13.06 -17.95
C MET A 420 -0.46 12.67 -16.63
N LEU A 421 -0.62 13.53 -15.63
CA LEU A 421 -0.06 13.26 -14.30
C LEU A 421 -0.68 12.03 -13.65
N CYS A 422 -1.95 11.77 -13.96
CA CYS A 422 -2.62 10.59 -13.42
C CYS A 422 -2.02 9.30 -14.01
N GLU A 423 -1.70 9.35 -15.30
CA GLU A 423 -1.10 8.22 -15.99
C GLU A 423 0.31 7.94 -15.45
N ILE A 424 1.10 9.00 -15.31
CA ILE A 424 2.47 8.88 -14.81
C ILE A 424 2.50 8.35 -13.37
N LEU A 425 1.58 8.81 -12.54
CA LEU A 425 1.54 8.40 -11.13
C LEU A 425 0.76 7.11 -10.90
N GLN A 426 0.19 6.56 -11.98
CA GLN A 426 -0.54 5.30 -11.94
C GLN A 426 -1.73 5.34 -10.98
N VAL A 427 -2.55 6.38 -11.11
CA VAL A 427 -3.76 6.51 -10.32
C VAL A 427 -4.81 5.49 -10.75
N GLY A 428 -5.34 4.75 -9.80
CA GLY A 428 -6.37 3.76 -10.09
C GLY A 428 -5.79 2.38 -10.25
N GLU A 429 -4.64 2.18 -9.63
CA GLU A 429 -3.97 0.90 -9.65
C GLU A 429 -3.96 0.28 -8.26
N LEU A 430 -4.10 -1.03 -8.20
CA LEU A 430 -4.04 -1.72 -6.91
C LEU A 430 -2.63 -2.25 -6.72
N PRO A 431 -2.07 -2.05 -5.52
CA PRO A 431 -0.66 -2.36 -5.27
C PRO A 431 -0.38 -3.86 -5.29
N ASN A 432 0.75 -4.27 -5.86
CA ASN A 432 1.14 -5.68 -5.83
C ASN A 432 2.05 -5.96 -4.63
N GLU A 433 2.57 -7.18 -4.55
CA GLU A 433 3.37 -7.57 -3.39
C GLU A 433 4.86 -7.37 -3.65
N GLY A 434 5.21 -7.12 -4.90
CA GLY A 434 6.61 -7.11 -5.31
C GLY A 434 7.32 -5.78 -5.36
N ARG A 435 6.60 -4.70 -5.62
CA ARG A 435 7.23 -3.40 -5.86
C ARG A 435 7.75 -2.72 -4.59
N ASN A 436 8.87 -2.02 -4.72
CA ASN A 436 9.48 -1.28 -3.63
C ASN A 436 9.74 0.18 -4.01
N ASP A 437 9.33 0.53 -5.21
CA ASP A 437 9.59 1.87 -5.75
C ASP A 437 8.56 2.89 -5.24
N TYR A 438 9.05 4.06 -4.85
CA TYR A 438 8.18 5.16 -4.42
C TYR A 438 8.88 6.50 -4.61
N HIS A 439 8.10 7.54 -4.87
CA HIS A 439 8.62 8.90 -5.02
C HIS A 439 8.59 9.63 -3.68
N PRO A 440 9.77 9.89 -3.11
CA PRO A 440 9.95 10.47 -1.78
C PRO A 440 9.30 11.85 -1.60
N MET A 441 9.27 12.66 -2.65
CA MET A 441 8.84 14.05 -2.52
C MET A 441 7.36 14.21 -2.15
N PHE A 442 6.55 13.19 -2.41
CA PHE A 442 5.12 13.28 -2.08
C PHE A 442 4.89 13.17 -0.59
N PHE A 443 5.92 12.78 0.16
CA PHE A 443 5.83 12.69 1.61
C PHE A 443 6.19 14.01 2.28
N THR A 444 6.48 15.03 1.47
CA THR A 444 6.95 16.30 2.00
C THR A 444 5.92 17.42 1.96
N HIS A 445 4.70 17.12 1.54
CA HIS A 445 3.67 18.14 1.47
C HIS A 445 2.27 17.54 1.55
N ASP A 446 1.38 18.21 2.27
CA ASP A 446 0.03 17.71 2.52
C ASP A 446 -0.82 17.66 1.24
N ARG A 447 -0.49 18.49 0.27
CA ARG A 447 -1.21 18.53 -1.00
C ARG A 447 -0.25 18.34 -2.16
N ALA A 448 0.56 17.29 -2.06
CA ALA A 448 1.65 17.05 -3.01
C ALA A 448 1.20 17.00 -4.47
N PHE A 449 0.08 16.33 -4.74
CA PHE A 449 -0.44 16.23 -6.10
C PHE A 449 -0.83 17.59 -6.68
N GLU A 450 -1.42 18.44 -5.83
CA GLU A 450 -1.84 19.75 -6.30
C GLU A 450 -0.61 20.64 -6.51
N GLU A 451 0.39 20.52 -5.64
CA GLU A 451 1.63 21.27 -5.82
C GLU A 451 2.34 20.82 -7.10
N LEU A 452 2.30 19.53 -7.38
CA LEU A 452 2.91 18.97 -8.59
C LEU A 452 2.28 19.57 -9.84
N PHE A 453 0.96 19.63 -9.86
CA PHE A 453 0.22 20.24 -10.95
C PHE A 453 0.66 21.69 -11.17
N GLY A 454 0.86 22.43 -10.10
CA GLY A 454 1.25 23.82 -10.20
C GLY A 454 2.60 23.98 -10.85
N ILE A 455 3.55 23.14 -10.42
CA ILE A 455 4.89 23.15 -10.98
C ILE A 455 4.88 22.74 -12.44
N CYS A 456 4.09 21.71 -12.77
CA CYS A 456 4.08 21.18 -14.13
C CYS A 456 3.32 22.06 -15.13
N ILE A 457 2.35 22.84 -14.64
CA ILE A 457 1.63 23.77 -15.52
C ILE A 457 2.55 24.94 -15.87
N GLN A 458 3.46 25.31 -14.96
CA GLN A 458 4.47 26.33 -15.26
C GLN A 458 5.46 25.75 -16.25
N LEU A 459 5.84 24.50 -16.01
CA LEU A 459 6.73 23.78 -16.92
C LEU A 459 6.12 23.71 -18.30
N LEU A 460 4.85 23.29 -18.35
CA LEU A 460 4.12 23.19 -19.60
C LEU A 460 4.18 24.49 -20.40
N ASN A 461 3.97 25.63 -19.72
CA ASN A 461 4.03 26.93 -20.37
C ASN A 461 5.44 27.30 -20.82
N LYS A 462 6.44 26.95 -20.01
CA LYS A 462 7.82 27.22 -20.37
C LYS A 462 8.21 26.41 -21.60
N THR A 463 7.87 25.12 -21.57
CA THR A 463 8.17 24.22 -22.68
C THR A 463 7.41 24.64 -23.95
N TRP A 464 6.16 25.07 -23.79
CA TRP A 464 5.33 25.50 -24.90
C TRP A 464 5.97 26.66 -25.67
N LYS A 465 6.41 27.68 -24.93
CA LYS A 465 7.00 28.85 -25.55
C LYS A 465 8.45 28.61 -25.97
N GLU A 466 9.06 27.56 -25.44
CA GLU A 466 10.41 27.17 -25.84
C GLU A 466 10.38 26.46 -27.18
N MET A 467 9.20 25.97 -27.56
CA MET A 467 9.04 25.26 -28.81
C MET A 467 8.42 26.15 -29.88
N ARG A 468 8.08 27.38 -29.49
CA ARG A 468 7.40 28.34 -30.36
C ARG A 468 6.19 27.67 -31.01
N ALA A 469 5.37 27.02 -30.17
CA ALA A 469 4.30 26.17 -30.64
C ALA A 469 3.01 26.92 -30.93
N THR A 470 2.14 26.28 -31.71
CA THR A 470 0.83 26.82 -32.01
C THR A 470 -0.25 25.83 -31.56
N ALA A 471 -1.50 26.18 -31.80
CA ALA A 471 -2.62 25.32 -31.43
C ALA A 471 -2.57 23.98 -32.15
N GLU A 472 -1.99 23.98 -33.35
CA GLU A 472 -1.87 22.77 -34.14
C GLU A 472 -0.81 21.84 -33.57
N ASP A 473 0.08 22.38 -32.75
CA ASP A 473 1.18 21.62 -32.18
C ASP A 473 0.91 21.20 -30.75
N PHE A 474 -0.36 21.26 -30.33
CA PHE A 474 -0.74 20.99 -28.95
C PHE A 474 -0.27 19.63 -28.45
N ASN A 475 -0.62 18.58 -29.18
CA ASN A 475 -0.27 17.22 -28.78
C ASN A 475 1.23 16.99 -28.74
N LYS A 476 1.95 17.70 -29.60
CA LYS A 476 3.40 17.58 -29.68
C LYS A 476 4.07 18.14 -28.43
N VAL A 477 3.56 19.27 -27.95
CA VAL A 477 4.07 19.88 -26.73
C VAL A 477 3.84 18.98 -25.51
N MET A 478 2.63 18.44 -25.41
CA MET A 478 2.27 17.58 -24.29
C MET A 478 3.19 16.36 -24.23
N GLN A 479 3.55 15.84 -25.40
CA GLN A 479 4.46 14.70 -25.49
C GLN A 479 5.83 15.06 -24.91
N VAL A 480 6.28 16.29 -25.15
CA VAL A 480 7.53 16.76 -24.59
C VAL A 480 7.44 16.93 -23.08
N VAL A 481 6.35 17.55 -22.61
CA VAL A 481 6.15 17.78 -21.18
C VAL A 481 6.11 16.46 -20.41
N ARG A 482 5.46 15.46 -20.99
CA ARG A 482 5.38 14.13 -20.38
C ARG A 482 6.78 13.54 -20.19
N GLU A 483 7.64 13.75 -21.18
CA GLU A 483 8.99 13.20 -21.11
C GLU A 483 9.84 13.94 -20.09
N GLN A 484 9.64 15.26 -19.99
CA GLN A 484 10.39 16.08 -19.04
C GLN A 484 10.11 15.66 -17.60
N ILE A 485 8.84 15.41 -17.30
CA ILE A 485 8.45 15.00 -15.96
C ILE A 485 8.94 13.59 -15.66
N THR A 486 8.79 12.70 -16.63
CA THR A 486 9.19 11.31 -16.46
C THR A 486 10.70 11.16 -16.24
N ARG A 487 11.49 12.04 -16.86
CA ARG A 487 12.94 11.95 -16.74
C ARG A 487 13.48 12.50 -15.42
N ALA A 488 12.71 13.39 -14.80
CA ALA A 488 13.13 14.02 -13.54
C ALA A 488 12.90 13.10 -12.34
N LEU A 489 11.99 12.14 -12.50
CA LEU A 489 11.61 11.22 -11.41
C LEU A 489 12.68 10.23 -10.96
N PRO A 490 13.38 9.55 -11.89
CA PRO A 490 14.34 8.53 -11.42
C PRO A 490 15.48 9.08 -10.57
N SER A 491 15.71 10.40 -10.64
CA SER A 491 16.70 11.03 -9.77
C SER A 491 16.19 11.07 -8.32
N LYS A 492 14.90 10.77 -8.15
CA LYS A 492 14.28 10.65 -6.82
C LYS A 492 14.53 11.86 -5.92
N PRO A 493 13.92 13.01 -6.24
CA PRO A 493 14.06 14.23 -5.45
C PRO A 493 13.38 14.11 -4.08
N ASN A 494 14.02 14.60 -3.03
CA ASN A 494 13.45 14.53 -1.70
C ASN A 494 12.59 15.76 -1.37
N SER A 495 12.32 16.58 -2.38
CA SER A 495 11.47 17.76 -2.21
C SER A 495 10.93 18.23 -3.55
N LEU A 496 9.89 19.05 -3.50
CA LEU A 496 9.29 19.60 -4.71
C LEU A 496 10.21 20.63 -5.34
N ASP A 497 10.98 21.31 -4.50
CA ASP A 497 11.96 22.30 -4.97
C ASP A 497 13.08 21.62 -5.76
N GLN A 498 13.54 20.47 -5.27
CA GLN A 498 14.55 19.69 -5.98
C GLN A 498 14.02 19.21 -7.32
N PHE A 499 12.76 18.80 -7.32
CA PHE A 499 12.11 18.33 -8.54
C PHE A 499 12.01 19.46 -9.54
N LYS A 500 11.67 20.65 -9.03
CA LYS A 500 11.58 21.85 -9.86
C LYS A 500 12.94 22.21 -10.44
N SER A 501 13.98 21.97 -9.67
CA SER A 501 15.35 22.27 -10.11
C SER A 501 15.78 21.42 -11.31
N LYS A 502 15.45 20.12 -11.27
CA LYS A 502 15.83 19.23 -12.35
C LYS A 502 15.03 19.54 -13.62
N LEU A 503 13.81 20.05 -13.43
CA LEU A 503 12.99 20.48 -14.56
C LEU A 503 13.59 21.70 -15.27
N ARG A 504 14.26 22.56 -14.51
CA ARG A 504 14.93 23.72 -15.09
C ARG A 504 16.05 23.28 -16.05
N SER A 505 16.80 22.27 -15.64
CA SER A 505 17.89 21.76 -16.47
C SER A 505 17.34 20.97 -17.65
N LEU A 506 16.15 20.42 -17.48
CA LEU A 506 15.53 19.61 -18.53
C LEU A 506 14.69 20.47 -19.47
N SER A 507 15.26 21.57 -19.95
CA SER A 507 14.57 22.43 -20.90
C SER A 507 14.40 21.74 -22.24
N TYR A 508 13.68 22.39 -23.16
CA TYR A 508 13.44 21.81 -24.49
C TYR A 508 14.73 21.63 -25.27
N SER A 509 15.67 22.56 -25.10
CA SER A 509 16.96 22.47 -25.77
C SER A 509 17.77 21.31 -25.22
N GLU A 510 17.50 20.94 -23.98
CA GLU A 510 18.22 19.87 -23.31
C GLU A 510 17.69 18.49 -23.70
N ILE A 511 16.37 18.33 -23.70
CA ILE A 511 15.76 17.05 -23.99
C ILE A 511 15.99 16.65 -25.45
N LEU A 512 16.06 17.64 -26.33
CA LEU A 512 16.30 17.38 -27.74
C LEU A 512 17.70 16.82 -27.95
N ARG A 513 18.64 17.32 -27.16
CA ARG A 513 20.00 16.84 -27.21
C ARG A 513 20.09 15.37 -26.75
N LEU A 514 19.22 14.99 -25.81
CA LEU A 514 19.33 13.70 -25.14
C LEU A 514 18.66 12.49 -25.83
N ARG A 515 18.19 12.67 -27.07
CA ARG A 515 17.77 11.52 -27.88
C ARG A 515 18.59 11.49 -29.18
N GLN A 516 19.47 12.48 -29.34
CA GLN A 516 20.56 12.34 -30.28
C GLN A 516 21.41 11.16 -29.81
N SER A 517 21.40 10.94 -28.50
CA SER A 517 22.04 9.82 -27.83
C SER A 517 21.07 8.65 -27.74
#